data_1K2D
#
_entry.id   1K2D
#
_cell.length_a   99.150
_cell.length_b   110.590
_cell.length_c   94.840
_cell.angle_alpha   90.00
_cell.angle_beta   90.00
_cell.angle_gamma   90.00
#
_symmetry.space_group_name_H-M   'C 2 2 21'
#
loop_
_entity.id
_entity.type
_entity.pdbx_description
1 polymer 'H-2 class II histocompatibility antigen, A-U alpha chain'
2 polymer 'H-2 class II histocompatibility antigen, A-U beta chain'
3 polymer 'Myelin Basic Protein peptide with 8 residue linker peptide'
4 non-polymer 2-acetamido-2-deoxy-beta-D-glucopyranose
5 water water
#
loop_
_entity_poly.entity_id
_entity_poly.type
_entity_poly.pdbx_seq_one_letter_code
_entity_poly.pdbx_strand_id
1 'polypeptide(L)'
;HSRGEDDIEADHVGSYGIVVYQSPGDIGQYTFEFDGDELFYVDLDKKETIWMLPEFAQLRSFDPQGGLQNIATGKHNLGV
LTKRSNSTPATNEAPQATVFPKSPVLLGQPNTLICFVDNIFPPVINITWLRNSKSVADGVYETSFFVNRDYSFHKLSYLT
FIPSDDDIYDCKVEHWGLEEPVLKHWEPE
;
A
2 'polypeptide(L)'
;GDSERHFVVQFQPFCYFTNGTQRIRYVTRYIYNREEYLRFDSDVGEYRAVTELGRPDAEYYNKQYLERTRAELDTVCRYN
YEETEVPTSLRRLEQPNVVISLSRTEALNHHNTLVCSVTDFYPAKIKVRWFRNGQEETVGVSSTQLIRNGDWTFQVLVML
EMTPRRGEVYTCHVEHPSLKSPITVEWRA
;
B
3 'polypeptide(L)' HSRGGASQYRPSQRHGTGSGSGS P
#
loop_
_chem_comp.id
_chem_comp.type
_chem_comp.name
_chem_comp.formula
NAG D-saccharide, beta linking 2-acetamido-2-deoxy-beta-D-glucopyranose 'C8 H15 N O6'
#
# COMPACT_ATOMS: atom_id res chain seq x y z
N ILE A 8 13.57 5.08 -9.53
CA ILE A 8 14.35 3.85 -9.22
C ILE A 8 13.54 2.59 -9.57
N GLU A 9 14.11 1.75 -10.43
CA GLU A 9 13.45 0.51 -10.86
C GLU A 9 14.00 -0.70 -10.12
N ALA A 10 13.14 -1.70 -9.91
CA ALA A 10 13.51 -2.92 -9.21
C ALA A 10 12.41 -3.99 -9.33
N ASP A 11 12.75 -5.23 -9.04
CA ASP A 11 11.76 -6.30 -9.12
C ASP A 11 10.99 -6.35 -7.81
N HIS A 12 11.62 -5.90 -6.74
CA HIS A 12 10.98 -5.90 -5.43
C HIS A 12 11.50 -4.75 -4.58
N VAL A 13 10.75 -4.42 -3.53
CA VAL A 13 11.16 -3.35 -2.62
C VAL A 13 10.71 -3.69 -1.21
N GLY A 14 11.66 -3.74 -0.29
CA GLY A 14 11.34 -4.03 1.09
C GLY A 14 11.75 -2.86 1.96
N SER A 15 10.86 -2.38 2.83
CA SER A 15 11.18 -1.27 3.75
C SER A 15 11.09 -1.84 5.13
N TYR A 16 12.24 -2.26 5.65
CA TYR A 16 12.28 -2.89 6.95
C TYR A 16 12.57 -1.95 8.11
N GLY A 17 11.51 -1.29 8.60
CA GLY A 17 11.66 -0.40 9.73
C GLY A 17 11.38 1.07 9.46
N ILE A 18 10.23 1.35 8.86
CA ILE A 18 9.83 2.72 8.59
C ILE A 18 9.41 3.34 9.92
N VAL A 19 9.99 4.48 10.26
CA VAL A 19 9.69 5.17 11.50
C VAL A 19 9.09 6.54 11.20
N VAL A 20 8.02 6.85 11.89
CA VAL A 20 7.39 8.15 11.76
C VAL A 20 7.22 8.59 13.21
N TYR A 21 7.67 9.79 13.53
CA TYR A 21 7.54 10.30 14.89
C TYR A 21 7.06 11.75 14.85
N GLN A 22 5.88 11.99 15.41
CA GLN A 22 5.35 13.34 15.38
C GLN A 22 5.09 13.95 16.75
N SER A 23 5.00 15.27 16.77
CA SER A 23 4.72 16.01 17.98
C SER A 23 3.93 17.24 17.56
N PRO A 24 3.13 17.78 18.48
CA PRO A 24 2.99 17.26 19.84
C PRO A 24 2.25 15.92 19.86
N GLY A 25 2.33 15.23 20.98
CA GLY A 25 1.64 13.96 21.13
C GLY A 25 2.49 12.72 21.24
N ASP A 26 3.77 12.80 20.86
CA ASP A 26 4.62 11.62 20.91
C ASP A 26 3.95 10.50 20.08
N ILE A 27 3.32 10.91 18.97
CA ILE A 27 2.63 9.97 18.08
C ILE A 27 3.61 9.28 17.13
N GLY A 28 3.79 7.98 17.30
CA GLY A 28 4.70 7.25 16.43
C GLY A 28 4.14 6.00 15.77
N GLN A 29 4.69 5.67 14.60
CA GLN A 29 4.29 4.47 13.85
C GLN A 29 5.56 3.76 13.41
N TYR A 30 5.55 2.45 13.53
CA TYR A 30 6.66 1.63 13.10
C TYR A 30 6.12 0.51 12.20
N THR A 31 6.51 0.54 10.92
CA THR A 31 6.04 -0.48 9.98
C THR A 31 7.09 -1.15 9.13
N PHE A 32 6.73 -2.32 8.63
CA PHE A 32 7.53 -3.11 7.70
C PHE A 32 6.65 -3.27 6.46
N GLU A 33 7.17 -2.86 5.30
CA GLU A 33 6.48 -2.96 4.01
C GLU A 33 7.25 -3.84 3.02
N PHE A 34 6.52 -4.49 2.12
CA PHE A 34 7.15 -5.28 1.07
C PHE A 34 6.26 -5.17 -0.15
N ASP A 35 6.83 -4.65 -1.23
CA ASP A 35 6.13 -4.44 -2.48
C ASP A 35 4.88 -3.57 -2.34
N GLY A 36 4.96 -2.59 -1.44
CA GLY A 36 3.84 -1.69 -1.26
C GLY A 36 2.72 -2.17 -0.34
N ASP A 37 2.85 -3.35 0.24
CA ASP A 37 1.84 -3.87 1.15
C ASP A 37 2.45 -3.91 2.53
N GLU A 38 1.58 -3.89 3.53
CA GLU A 38 2.04 -3.86 4.90
C GLU A 38 2.19 -5.23 5.54
N LEU A 39 3.41 -5.50 5.99
CA LEU A 39 3.76 -6.75 6.63
C LEU A 39 3.20 -6.66 8.04
N PHE A 40 3.49 -5.55 8.69
CA PHE A 40 3.00 -5.34 10.06
C PHE A 40 3.32 -3.93 10.56
N TYR A 41 2.88 -3.65 11.78
CA TYR A 41 3.19 -2.39 12.44
C TYR A 41 3.40 -2.94 13.82
N VAL A 42 4.13 -2.22 14.65
CA VAL A 42 4.36 -2.67 16.01
C VAL A 42 3.45 -1.85 16.92
N ASP A 43 2.71 -2.55 17.77
CA ASP A 43 1.82 -1.85 18.67
C ASP A 43 2.70 -1.33 19.78
N LEU A 44 2.91 -0.03 19.81
CA LEU A 44 3.79 0.57 20.80
C LEU A 44 3.26 0.42 22.23
N ASP A 45 1.95 0.57 22.41
CA ASP A 45 1.36 0.43 23.74
C ASP A 45 1.38 -1.01 24.25
N LYS A 46 1.17 -1.96 23.33
CA LYS A 46 1.16 -3.37 23.69
C LYS A 46 2.51 -4.03 23.48
N LYS A 47 3.45 -3.32 22.87
CA LYS A 47 4.78 -3.89 22.61
C LYS A 47 4.55 -5.19 21.86
N GLU A 48 3.82 -5.12 20.76
CA GLU A 48 3.52 -6.34 20.00
C GLU A 48 3.53 -6.11 18.48
N THR A 49 4.14 -7.03 17.76
CA THR A 49 4.22 -6.92 16.30
C THR A 49 2.91 -7.45 15.74
N ILE A 50 2.10 -6.57 15.14
CA ILE A 50 0.82 -7.02 14.57
C ILE A 50 0.90 -7.28 13.07
N TRP A 51 0.86 -8.54 12.67
CA TRP A 51 0.93 -8.89 11.26
C TRP A 51 -0.42 -8.74 10.53
N MET A 52 -0.37 -8.25 9.29
CA MET A 52 -1.58 -8.06 8.51
C MET A 52 -2.06 -9.41 8.04
N LEU A 53 -1.11 -10.26 7.65
CA LEU A 53 -1.46 -11.60 7.22
C LEU A 53 -0.94 -12.49 8.34
N PRO A 54 -1.82 -12.85 9.29
CA PRO A 54 -1.50 -13.69 10.44
C PRO A 54 -0.63 -14.90 10.13
N GLU A 55 -0.92 -15.58 9.02
CA GLU A 55 -0.17 -16.76 8.64
C GLU A 55 1.33 -16.49 8.42
N PHE A 56 1.71 -15.26 8.07
CA PHE A 56 3.12 -14.95 7.88
C PHE A 56 3.91 -15.11 9.17
N ALA A 57 3.28 -14.80 10.30
CA ALA A 57 3.90 -14.92 11.62
C ALA A 57 4.29 -16.38 11.97
N GLN A 58 3.80 -17.34 11.20
CA GLN A 58 4.11 -18.74 11.43
C GLN A 58 5.46 -19.07 10.78
N LEU A 59 5.84 -18.29 9.77
CA LEU A 59 7.08 -18.50 9.03
C LEU A 59 8.14 -17.41 9.19
N ARG A 60 7.91 -16.46 10.09
CA ARG A 60 8.88 -15.39 10.30
C ARG A 60 8.48 -14.58 11.51
N SER A 61 9.36 -13.70 11.96
CA SER A 61 9.04 -12.90 13.14
C SER A 61 9.87 -11.64 13.28
N PHE A 62 9.49 -10.84 14.27
CA PHE A 62 10.18 -9.60 14.54
C PHE A 62 9.96 -9.25 16.00
N ASP A 63 11.05 -8.98 16.71
CA ASP A 63 10.96 -8.62 18.11
C ASP A 63 10.48 -7.18 18.17
N PRO A 64 9.28 -6.97 18.74
CA PRO A 64 8.81 -5.59 18.80
C PRO A 64 9.80 -4.64 19.46
N GLN A 65 10.74 -5.19 20.24
CA GLN A 65 11.73 -4.36 20.91
C GLN A 65 12.36 -3.45 19.87
N GLY A 66 12.64 -4.02 18.71
CA GLY A 66 13.23 -3.29 17.61
C GLY A 66 12.46 -2.01 17.32
N GLY A 67 11.14 -2.11 17.26
CA GLY A 67 10.31 -0.95 17.00
C GLY A 67 10.45 0.13 18.06
N LEU A 68 10.33 -0.26 19.32
CA LEU A 68 10.44 0.70 20.42
C LEU A 68 11.77 1.44 20.34
N GLN A 69 12.85 0.69 20.19
CA GLN A 69 14.18 1.29 20.09
C GLN A 69 14.17 2.35 18.99
N ASN A 70 13.89 1.93 17.76
CA ASN A 70 13.88 2.84 16.63
C ASN A 70 12.94 4.02 16.78
N ILE A 71 11.87 3.83 17.56
CA ILE A 71 10.92 4.91 17.80
C ILE A 71 11.57 5.91 18.76
N ALA A 72 12.29 5.39 19.74
CA ALA A 72 12.99 6.24 20.69
C ALA A 72 13.94 7.16 19.91
N THR A 73 14.55 6.62 18.86
CA THR A 73 15.46 7.40 18.03
C THR A 73 14.65 8.46 17.29
N GLY A 74 13.43 8.11 16.90
CA GLY A 74 12.59 9.07 16.21
C GLY A 74 12.31 10.24 17.15
N LYS A 75 12.11 9.91 18.42
CA LYS A 75 11.85 10.91 19.45
C LYS A 75 13.09 11.81 19.55
N HIS A 76 14.23 11.17 19.68
CA HIS A 76 15.52 11.86 19.77
C HIS A 76 15.78 12.78 18.57
N ASN A 77 15.60 12.26 17.35
CA ASN A 77 15.83 13.06 16.15
C ASN A 77 14.83 14.17 15.90
N LEU A 78 13.59 13.99 16.34
CA LEU A 78 12.62 15.08 16.17
C LEU A 78 13.09 16.07 17.23
N GLY A 79 12.90 17.35 17.03
CA GLY A 79 13.36 18.29 18.05
C GLY A 79 14.82 18.63 17.75
N VAL A 80 15.69 17.62 17.77
CA VAL A 80 17.11 17.82 17.45
C VAL A 80 17.12 18.39 16.04
N LEU A 81 16.12 17.97 15.27
CA LEU A 81 15.97 18.40 13.87
C LEU A 81 15.04 19.56 13.82
N THR A 82 14.11 19.61 14.77
CA THR A 82 13.11 20.69 14.85
C THR A 82 13.81 22.03 15.12
N LYS A 83 14.79 22.02 16.02
CA LYS A 83 15.52 23.24 16.32
C LYS A 83 16.46 23.53 15.14
N ARG A 84 17.25 22.53 14.76
CA ARG A 84 18.20 22.70 13.66
C ARG A 84 17.48 23.37 12.47
N SER A 85 16.14 23.31 12.42
CA SER A 85 15.34 23.92 11.35
C SER A 85 14.61 25.19 11.80
N ASN A 86 14.94 25.67 12.99
CA ASN A 86 14.32 26.86 13.54
C ASN A 86 12.81 26.68 13.66
N SER A 87 12.41 25.50 14.10
CA SER A 87 11.01 25.14 14.30
C SER A 87 10.13 25.48 13.17
N THR A 88 10.40 24.73 12.12
CA THR A 88 9.60 25.00 10.98
C THR A 88 8.43 24.02 11.06
N PRO A 89 7.19 24.54 10.96
CA PRO A 89 5.98 23.71 11.03
C PRO A 89 5.68 22.96 9.73
N ALA A 90 4.94 21.86 9.87
CA ALA A 90 4.56 21.02 8.73
C ALA A 90 3.36 21.65 8.04
N THR A 91 3.45 21.78 6.72
CA THR A 91 2.36 22.36 5.94
C THR A 91 1.31 21.29 5.67
N ASN A 92 0.07 21.56 6.08
CA ASN A 92 -1.00 20.59 5.89
C ASN A 92 -1.37 20.40 4.43
N GLU A 93 -1.72 19.16 4.08
CA GLU A 93 -2.14 18.81 2.75
C GLU A 93 -3.62 18.47 2.86
N ALA A 94 -4.31 18.46 1.73
CA ALA A 94 -5.72 18.10 1.71
C ALA A 94 -5.76 16.64 1.23
N PRO A 95 -6.36 15.73 2.02
CA PRO A 95 -6.43 14.32 1.61
C PRO A 95 -7.24 14.16 0.32
N GLN A 96 -7.24 12.94 -0.20
CA GLN A 96 -7.97 12.56 -1.41
C GLN A 96 -8.52 11.16 -1.16
N ALA A 97 -9.85 11.06 -1.12
CA ALA A 97 -10.53 9.80 -0.88
C ALA A 97 -11.24 9.29 -2.11
N THR A 98 -11.26 7.97 -2.27
CA THR A 98 -11.94 7.33 -3.39
C THR A 98 -12.48 6.05 -2.79
N VAL A 99 -13.72 5.71 -3.13
CA VAL A 99 -14.37 4.51 -2.62
C VAL A 99 -14.68 3.52 -3.74
N PHE A 100 -14.44 2.24 -3.47
CA PHE A 100 -14.70 1.22 -4.45
C PHE A 100 -14.81 -0.13 -3.74
N PRO A 101 -15.60 -1.06 -4.31
CA PRO A 101 -15.77 -2.37 -3.69
C PRO A 101 -14.63 -3.33 -4.03
N LYS A 102 -14.39 -4.27 -3.13
CA LYS A 102 -13.35 -5.26 -3.31
C LYS A 102 -13.69 -6.16 -4.51
N SER A 103 -14.96 -6.55 -4.63
CA SER A 103 -15.41 -7.37 -5.75
C SER A 103 -16.77 -6.91 -6.29
N PRO A 104 -17.17 -7.44 -7.45
CA PRO A 104 -18.46 -7.06 -8.07
C PRO A 104 -19.54 -7.19 -7.01
N VAL A 105 -20.49 -6.26 -7.02
CA VAL A 105 -21.58 -6.21 -6.06
C VAL A 105 -22.75 -7.10 -6.47
N LEU A 106 -23.19 -7.91 -5.53
CA LEU A 106 -24.30 -8.82 -5.78
C LEU A 106 -25.14 -8.74 -4.52
N LEU A 107 -26.44 -8.55 -4.72
CA LEU A 107 -27.37 -8.41 -3.63
C LEU A 107 -27.33 -9.59 -2.69
N GLY A 108 -27.17 -9.28 -1.41
CA GLY A 108 -27.15 -10.33 -0.40
C GLY A 108 -25.82 -11.03 -0.16
N GLN A 109 -24.84 -10.79 -1.03
CA GLN A 109 -23.53 -11.42 -0.87
C GLN A 109 -22.51 -10.48 -0.21
N PRO A 110 -22.08 -10.83 1.01
CA PRO A 110 -21.11 -10.04 1.80
C PRO A 110 -19.99 -9.59 0.87
N ASN A 111 -19.56 -8.35 1.04
CA ASN A 111 -18.55 -7.75 0.20
C ASN A 111 -17.85 -6.74 1.07
N THR A 112 -16.93 -5.94 0.52
CA THR A 112 -16.22 -4.96 1.34
C THR A 112 -16.06 -3.67 0.60
N LEU A 113 -16.32 -2.55 1.27
CA LEU A 113 -16.10 -1.26 0.60
C LEU A 113 -14.72 -0.78 1.00
N ILE A 114 -13.97 -0.34 0.02
CA ILE A 114 -12.64 0.16 0.26
C ILE A 114 -12.58 1.68 0.09
N CYS A 115 -12.06 2.37 1.09
CA CYS A 115 -11.90 3.83 1.01
C CYS A 115 -10.40 4.07 0.93
N PHE A 116 -9.92 4.52 -0.22
CA PHE A 116 -8.51 4.82 -0.41
C PHE A 116 -8.36 6.31 -0.12
N VAL A 117 -7.45 6.65 0.77
CA VAL A 117 -7.20 8.04 1.15
C VAL A 117 -5.74 8.37 0.84
N ASP A 118 -5.51 9.20 -0.18
CA ASP A 118 -4.14 9.54 -0.53
C ASP A 118 -3.81 11.00 -0.21
N ASN A 119 -2.53 11.33 -0.31
CA ASN A 119 -1.98 12.66 -0.05
C ASN A 119 -2.30 13.05 1.38
N ILE A 120 -1.87 12.22 2.32
CA ILE A 120 -2.12 12.47 3.72
C ILE A 120 -0.86 13.05 4.32
N PHE A 121 -1.00 14.26 4.87
CA PHE A 121 0.12 14.92 5.52
C PHE A 121 -0.34 16.13 6.33
N PRO A 122 0.01 16.16 7.63
CA PRO A 122 0.80 15.12 8.32
C PRO A 122 0.01 13.84 8.60
N PRO A 123 0.73 12.75 8.95
CA PRO A 123 0.12 11.46 9.25
C PRO A 123 -0.78 11.37 10.49
N VAL A 124 -1.87 12.14 10.47
CA VAL A 124 -2.88 12.15 11.54
C VAL A 124 -4.20 12.32 10.80
N ILE A 125 -5.16 11.42 11.02
CA ILE A 125 -6.42 11.54 10.25
C ILE A 125 -7.61 10.76 10.80
N ASN A 126 -8.80 11.14 10.37
CA ASN A 126 -10.02 10.44 10.83
C ASN A 126 -10.82 9.90 9.67
N ILE A 127 -10.86 8.59 9.54
CA ILE A 127 -11.60 7.94 8.46
C ILE A 127 -12.67 7.08 9.11
N THR A 128 -13.93 7.31 8.74
CA THR A 128 -15.05 6.56 9.31
C THR A 128 -16.09 6.29 8.25
N TRP A 129 -17.04 5.41 8.58
CA TRP A 129 -18.06 5.05 7.64
C TRP A 129 -19.45 5.37 8.14
N LEU A 130 -20.28 5.79 7.20
CA LEU A 130 -21.68 6.07 7.48
C LEU A 130 -22.53 5.16 6.58
N ARG A 131 -23.50 4.47 7.19
CA ARG A 131 -24.45 3.61 6.48
C ARG A 131 -25.80 4.30 6.54
N ASN A 132 -26.39 4.56 5.38
CA ASN A 132 -27.68 5.25 5.32
C ASN A 132 -27.62 6.54 6.13
N SER A 133 -26.45 7.15 6.14
CA SER A 133 -26.17 8.42 6.84
C SER A 133 -26.05 8.31 8.37
N LYS A 134 -26.12 7.10 8.89
CA LYS A 134 -25.97 6.88 10.33
C LYS A 134 -24.58 6.20 10.53
N SER A 135 -23.86 6.48 11.62
CA SER A 135 -22.54 5.93 12.00
C SER A 135 -22.45 4.40 12.11
N VAL A 136 -21.36 3.85 11.56
CA VAL A 136 -21.11 2.40 11.60
C VAL A 136 -19.74 2.12 12.21
N ALA A 137 -19.69 1.31 13.26
CA ALA A 137 -18.42 0.97 13.90
C ALA A 137 -18.02 -0.47 13.66
N ASP A 138 -19.02 -1.35 13.58
CA ASP A 138 -18.80 -2.77 13.36
C ASP A 138 -18.38 -3.08 11.94
N GLY A 139 -17.57 -4.11 11.76
CA GLY A 139 -17.12 -4.48 10.43
C GLY A 139 -16.22 -3.46 9.76
N VAL A 140 -15.50 -2.67 10.57
CA VAL A 140 -14.56 -1.68 10.04
C VAL A 140 -13.13 -2.06 10.39
N TYR A 141 -12.23 -1.88 9.45
CA TYR A 141 -10.83 -2.16 9.66
C TYR A 141 -10.03 -1.16 8.82
N GLU A 142 -8.85 -0.76 9.27
CA GLU A 142 -8.03 0.15 8.49
C GLU A 142 -6.55 -0.18 8.62
N THR A 143 -5.79 0.20 7.61
CA THR A 143 -4.35 -0.05 7.55
C THR A 143 -3.58 1.09 8.22
N SER A 144 -2.27 0.91 8.37
CA SER A 144 -1.40 1.97 8.92
C SER A 144 -1.22 2.99 7.78
N PHE A 145 -0.35 3.97 8.01
CA PHE A 145 -0.05 4.98 7.02
C PHE A 145 1.07 4.43 6.13
N PHE A 146 0.83 4.37 4.83
CA PHE A 146 1.85 3.89 3.88
C PHE A 146 2.65 5.09 3.39
N VAL A 147 3.94 4.89 3.13
CA VAL A 147 4.76 5.97 2.63
C VAL A 147 4.54 6.16 1.15
N ASN A 148 4.71 7.41 0.71
CA ASN A 148 4.60 7.76 -0.69
C ASN A 148 5.97 8.28 -1.17
N ARG A 149 6.05 8.59 -2.46
CA ARG A 149 7.27 9.07 -3.08
C ARG A 149 7.52 10.53 -2.68
N ASP A 150 6.47 11.33 -2.63
CA ASP A 150 6.59 12.73 -2.26
C ASP A 150 6.59 12.86 -0.75
N TYR A 151 6.87 11.77 -0.06
CA TYR A 151 6.91 11.72 1.40
C TYR A 151 5.60 11.99 2.12
N SER A 152 4.50 12.00 1.38
CA SER A 152 3.21 12.15 2.01
C SER A 152 2.83 10.70 2.35
N PHE A 153 1.56 10.46 2.65
CA PHE A 153 1.08 9.12 3.00
C PHE A 153 -0.29 8.78 2.41
N HIS A 154 -0.62 7.49 2.41
CA HIS A 154 -1.92 7.02 1.98
C HIS A 154 -2.31 5.96 3.01
N LYS A 155 -3.62 5.75 3.18
CA LYS A 155 -4.13 4.78 4.15
C LYS A 155 -5.46 4.28 3.61
N LEU A 156 -5.86 3.08 4.05
CA LEU A 156 -7.12 2.54 3.55
C LEU A 156 -7.99 2.05 4.68
N SER A 157 -9.30 2.26 4.52
CA SER A 157 -10.30 1.81 5.47
C SER A 157 -11.21 0.82 4.74
N TYR A 158 -11.63 -0.20 5.46
CA TYR A 158 -12.44 -1.27 4.92
C TYR A 158 -13.75 -1.44 5.71
N LEU A 159 -14.85 -1.57 4.96
CA LEU A 159 -16.18 -1.77 5.54
C LEU A 159 -16.81 -3.05 4.99
N THR A 160 -17.05 -4.05 5.83
CA THR A 160 -17.68 -5.24 5.29
C THR A 160 -19.17 -4.93 5.32
N PHE A 161 -19.90 -5.33 4.28
CA PHE A 161 -21.33 -5.03 4.24
C PHE A 161 -22.10 -5.98 3.32
N ILE A 162 -23.42 -5.94 3.44
CA ILE A 162 -24.33 -6.76 2.63
C ILE A 162 -25.01 -5.86 1.61
N PRO A 163 -24.73 -6.04 0.32
CA PRO A 163 -25.38 -5.19 -0.67
C PRO A 163 -26.91 -5.34 -0.70
N SER A 164 -27.64 -4.22 -0.79
CA SER A 164 -29.10 -4.20 -0.86
C SER A 164 -29.51 -3.07 -1.78
N ASP A 165 -30.69 -3.15 -2.36
CA ASP A 165 -31.17 -2.12 -3.29
C ASP A 165 -31.09 -0.71 -2.72
N ASP A 166 -31.81 -0.48 -1.64
CA ASP A 166 -31.87 0.83 -1.01
C ASP A 166 -30.87 1.02 0.11
N ASP A 167 -29.60 1.22 -0.25
CA ASP A 167 -28.56 1.45 0.76
C ASP A 167 -27.52 2.45 0.26
N ILE A 168 -27.14 3.34 1.17
CA ILE A 168 -26.19 4.40 0.90
C ILE A 168 -25.05 4.41 1.91
N TYR A 169 -23.81 4.46 1.42
CA TYR A 169 -22.67 4.49 2.30
C TYR A 169 -21.72 5.64 1.99
N ASP A 170 -21.15 6.23 3.02
CA ASP A 170 -20.19 7.29 2.80
C ASP A 170 -18.95 6.94 3.59
N CYS A 171 -17.81 7.41 3.11
CA CYS A 171 -16.57 7.25 3.83
C CYS A 171 -16.29 8.70 4.31
N LYS A 172 -16.29 8.91 5.63
CA LYS A 172 -16.04 10.25 6.19
C LYS A 172 -14.57 10.45 6.58
N VAL A 173 -13.91 11.40 5.93
CA VAL A 173 -12.53 11.68 6.25
C VAL A 173 -12.35 13.05 6.90
N GLU A 174 -11.61 13.07 7.99
CA GLU A 174 -11.34 14.31 8.72
C GLU A 174 -9.83 14.57 8.84
N HIS A 175 -9.39 15.73 8.37
CA HIS A 175 -7.98 16.11 8.41
C HIS A 175 -7.81 17.63 8.65
N TRP A 176 -6.73 18.00 9.34
CA TRP A 176 -6.51 19.43 9.58
C TRP A 176 -6.50 20.16 8.23
N GLY A 177 -6.12 19.42 7.18
CA GLY A 177 -6.05 19.99 5.85
C GLY A 177 -7.39 20.30 5.20
N LEU A 178 -8.47 19.80 5.79
CA LEU A 178 -9.81 20.03 5.24
C LEU A 178 -10.60 20.98 6.15
N GLU A 179 -11.31 21.92 5.54
CA GLU A 179 -12.09 22.87 6.31
C GLU A 179 -13.34 22.19 6.84
N GLU A 180 -13.89 21.29 6.03
CA GLU A 180 -15.08 20.55 6.41
C GLU A 180 -14.82 19.10 6.02
N PRO A 181 -15.21 18.13 6.87
CA PRO A 181 -15.03 16.69 6.66
C PRO A 181 -15.52 16.20 5.30
N VAL A 182 -14.60 15.66 4.49
CA VAL A 182 -14.98 15.15 3.17
C VAL A 182 -15.79 13.86 3.30
N LEU A 183 -16.83 13.75 2.47
CA LEU A 183 -17.68 12.57 2.46
C LEU A 183 -17.69 11.93 1.08
N LYS A 184 -17.13 10.74 0.97
CA LYS A 184 -17.15 10.05 -0.32
C LYS A 184 -18.27 9.05 -0.20
N HIS A 185 -19.34 9.31 -0.94
CA HIS A 185 -20.54 8.49 -0.93
C HIS A 185 -20.50 7.37 -1.98
N TRP A 186 -21.21 6.27 -1.69
CA TRP A 186 -21.26 5.12 -2.57
C TRP A 186 -22.56 4.30 -2.39
N GLU A 187 -22.99 3.66 -3.47
CA GLU A 187 -24.19 2.84 -3.45
C GLU A 187 -24.20 1.80 -4.60
N PRO A 188 -24.89 0.67 -4.39
CA PRO A 188 -24.96 -0.38 -5.42
C PRO A 188 -25.64 0.02 -6.72
N GLU A 189 -24.82 0.43 -7.70
CA GLU A 189 -25.30 0.84 -9.03
C GLU A 189 -25.52 -0.39 -9.92
N ARG B 5 3.20 24.46 14.99
CA ARG B 5 2.11 23.57 15.49
C ARG B 5 2.53 22.10 15.52
N HIS B 6 2.57 21.50 14.33
CA HIS B 6 2.93 20.08 14.17
C HIS B 6 4.26 20.00 13.44
N PHE B 7 5.09 19.07 13.91
CA PHE B 7 6.42 18.81 13.39
C PHE B 7 6.59 17.29 13.30
N VAL B 8 7.29 16.81 12.28
CA VAL B 8 7.49 15.37 12.14
C VAL B 8 8.87 15.01 11.60
N VAL B 9 9.26 13.76 11.83
CA VAL B 9 10.48 13.20 11.31
C VAL B 9 10.04 11.87 10.65
N GLN B 10 10.83 11.40 9.68
CA GLN B 10 10.54 10.12 9.03
C GLN B 10 11.83 9.39 8.72
N PHE B 11 11.83 8.07 8.93
CA PHE B 11 12.97 7.25 8.61
C PHE B 11 12.52 6.15 7.63
N GLN B 12 12.81 6.32 6.35
CA GLN B 12 12.40 5.35 5.33
C GLN B 12 13.52 4.52 4.70
N PRO B 13 13.69 3.25 5.14
CA PRO B 13 14.68 2.28 4.68
C PRO B 13 14.15 1.43 3.49
N PHE B 14 14.93 1.33 2.41
CA PHE B 14 14.52 0.59 1.21
C PHE B 14 15.53 -0.47 0.72
N CYS B 15 15.10 -1.72 0.63
CA CYS B 15 15.97 -2.77 0.13
C CYS B 15 15.45 -3.06 -1.28
N TYR B 16 16.12 -2.51 -2.29
CA TYR B 16 15.73 -2.70 -3.70
C TYR B 16 16.36 -3.93 -4.29
N PHE B 17 15.50 -4.85 -4.66
CA PHE B 17 15.94 -6.10 -5.19
C PHE B 17 15.75 -6.17 -6.70
N THR B 18 16.61 -6.92 -7.37
CA THR B 18 16.55 -7.08 -8.82
C THR B 18 17.09 -8.45 -9.15
N ASN B 19 16.25 -9.30 -9.73
CA ASN B 19 16.66 -10.66 -10.09
C ASN B 19 17.12 -11.33 -8.81
N GLY B 20 16.19 -11.56 -7.89
CA GLY B 20 16.54 -12.18 -6.62
C GLY B 20 17.45 -11.28 -5.82
N THR B 21 18.40 -11.89 -5.10
CA THR B 21 19.34 -11.11 -4.29
C THR B 21 20.63 -10.87 -5.09
N GLN B 22 20.48 -10.38 -6.33
CA GLN B 22 21.62 -10.10 -7.22
C GLN B 22 22.02 -8.63 -7.17
N ARG B 23 21.18 -7.79 -7.76
CA ARG B 23 21.45 -6.37 -7.75
C ARG B 23 20.74 -5.70 -6.57
N ILE B 24 21.21 -5.99 -5.35
CA ILE B 24 20.63 -5.39 -4.16
C ILE B 24 21.15 -3.97 -3.97
N ARG B 25 20.25 -3.02 -3.80
CA ARG B 25 20.63 -1.64 -3.59
C ARG B 25 19.98 -1.14 -2.30
N TYR B 26 20.74 -1.19 -1.22
CA TYR B 26 20.29 -0.78 0.10
C TYR B 26 20.37 0.73 0.29
N VAL B 27 19.23 1.35 0.57
CA VAL B 27 19.17 2.79 0.81
C VAL B 27 18.51 3.09 2.15
N THR B 28 18.67 4.31 2.62
CA THR B 28 18.14 4.70 3.91
C THR B 28 17.97 6.20 3.96
N ARG B 29 16.71 6.66 3.94
CA ARG B 29 16.42 8.10 3.95
C ARG B 29 16.17 8.70 5.35
N TYR B 30 16.47 9.99 5.52
CA TYR B 30 16.25 10.71 6.77
C TYR B 30 15.45 11.95 6.41
N ILE B 31 14.24 12.03 6.94
CA ILE B 31 13.30 13.12 6.63
C ILE B 31 12.82 13.98 7.80
N TYR B 32 12.47 15.24 7.50
CA TYR B 32 11.97 16.17 8.49
C TYR B 32 10.71 16.75 7.90
N ASN B 33 9.59 16.52 8.56
CA ASN B 33 8.32 16.95 8.00
C ASN B 33 8.28 16.19 6.67
N ARG B 34 8.15 16.90 5.56
CA ARG B 34 8.10 16.27 4.23
C ARG B 34 9.30 16.67 3.36
N GLU B 35 10.51 16.54 3.90
CA GLU B 35 11.75 16.90 3.20
C GLU B 35 12.94 16.04 3.63
N GLU B 36 13.57 15.36 2.68
CA GLU B 36 14.73 14.51 3.00
C GLU B 36 15.98 15.37 3.19
N TYR B 37 16.89 14.93 4.06
CA TYR B 37 18.10 15.69 4.32
C TYR B 37 19.37 14.84 4.50
N LEU B 38 19.22 13.54 4.68
CA LEU B 38 20.37 12.66 4.86
C LEU B 38 20.07 11.32 4.18
N ARG B 39 21.10 10.61 3.71
CA ARG B 39 20.89 9.35 3.02
C ARG B 39 22.08 8.39 2.94
N PHE B 40 21.81 7.10 3.05
CA PHE B 40 22.86 6.09 2.92
C PHE B 40 22.50 5.29 1.66
N ASP B 41 23.27 5.44 0.59
CA ASP B 41 22.95 4.68 -0.60
C ASP B 41 24.01 3.63 -0.92
N SER B 42 23.59 2.37 -0.87
CA SER B 42 24.44 1.23 -1.17
C SER B 42 25.25 1.47 -2.44
N ASP B 43 24.66 2.19 -3.39
CA ASP B 43 25.33 2.49 -4.64
C ASP B 43 26.51 3.43 -4.48
N VAL B 44 26.40 4.35 -3.53
CA VAL B 44 27.46 5.30 -3.26
C VAL B 44 28.24 4.84 -2.04
N GLY B 45 27.74 3.78 -1.40
CA GLY B 45 28.37 3.20 -0.22
C GLY B 45 28.74 4.17 0.90
N GLU B 46 28.10 5.33 0.93
CA GLU B 46 28.41 6.33 1.94
C GLU B 46 27.29 7.37 2.13
N TYR B 47 27.24 8.00 3.30
CA TYR B 47 26.24 9.02 3.59
C TYR B 47 26.53 10.32 2.83
N ARG B 48 25.48 11.07 2.53
CA ARG B 48 25.56 12.34 1.81
C ARG B 48 24.35 13.18 2.23
N ALA B 49 24.51 14.50 2.23
CA ALA B 49 23.43 15.42 2.60
C ALA B 49 22.65 15.87 1.38
N VAL B 50 21.32 15.84 1.49
CA VAL B 50 20.46 16.22 0.37
C VAL B 50 20.04 17.69 0.43
N THR B 51 19.93 18.21 1.64
CA THR B 51 19.54 19.61 1.87
C THR B 51 20.34 20.14 3.05
N GLU B 52 20.32 21.46 3.25
CA GLU B 52 21.07 22.07 4.34
C GLU B 52 20.97 21.33 5.68
N LEU B 53 19.75 20.95 6.06
CA LEU B 53 19.52 20.26 7.33
C LEU B 53 20.42 19.04 7.53
N GLY B 54 21.05 18.58 6.45
CA GLY B 54 21.90 17.41 6.54
C GLY B 54 23.39 17.64 6.73
N ARG B 55 23.90 18.79 6.31
CA ARG B 55 25.32 19.07 6.47
C ARG B 55 25.80 18.71 7.88
N PRO B 56 25.13 19.26 8.90
CA PRO B 56 25.49 18.99 10.30
C PRO B 56 25.58 17.52 10.73
N ASP B 57 25.14 16.58 9.88
CA ASP B 57 25.18 15.17 10.25
C ASP B 57 26.11 14.27 9.42
N ALA B 58 26.36 14.69 8.19
CA ALA B 58 27.20 13.94 7.27
C ALA B 58 28.32 13.13 7.95
N GLU B 59 29.47 13.79 8.11
CA GLU B 59 30.65 13.19 8.72
C GLU B 59 30.39 12.37 9.98
N TYR B 60 29.43 12.82 10.78
CA TYR B 60 29.10 12.13 12.03
C TYR B 60 28.64 10.67 11.82
N TYR B 61 27.71 10.47 10.89
CA TYR B 61 27.21 9.12 10.63
C TYR B 61 28.27 8.21 10.02
N ASN B 62 29.05 8.76 9.08
CA ASN B 62 30.11 7.99 8.44
C ASN B 62 31.15 7.49 9.43
N LYS B 63 31.37 8.26 10.49
CA LYS B 63 32.34 7.90 11.51
C LYS B 63 31.75 6.98 12.59
N GLN B 64 30.48 7.17 12.90
CA GLN B 64 29.84 6.38 13.94
C GLN B 64 29.32 4.98 13.60
N TYR B 65 28.74 4.80 12.42
CA TYR B 65 28.19 3.48 12.10
C TYR B 65 28.14 3.06 10.63
N LEU B 66 29.12 3.49 9.83
CA LEU B 66 29.13 3.13 8.42
C LEU B 66 29.41 1.64 8.27
N GLU B 67 30.32 1.14 9.09
CA GLU B 67 30.67 -0.28 9.08
C GLU B 67 29.42 -1.12 9.42
N ARG B 68 28.55 -0.57 10.26
CA ARG B 68 27.34 -1.24 10.70
C ARG B 68 26.24 -1.18 9.64
N THR B 69 26.14 -0.04 8.95
CA THR B 69 25.14 0.15 7.91
C THR B 69 25.41 -0.74 6.69
N ARG B 70 26.63 -0.68 6.16
CA ARG B 70 26.96 -1.49 5.02
C ARG B 70 26.63 -2.93 5.38
N ALA B 71 26.94 -3.30 6.61
CA ALA B 71 26.71 -4.65 7.11
C ALA B 71 25.26 -5.14 7.00
N GLU B 72 24.31 -4.25 7.22
CA GLU B 72 22.90 -4.60 7.16
C GLU B 72 22.42 -5.02 5.77
N LEU B 73 23.07 -4.50 4.72
CA LEU B 73 22.69 -4.86 3.36
C LEU B 73 22.72 -6.37 3.19
N ASP B 74 23.31 -7.06 4.16
CA ASP B 74 23.39 -8.51 4.14
C ASP B 74 22.75 -9.13 5.38
N THR B 75 22.76 -8.40 6.50
CA THR B 75 22.16 -8.92 7.73
C THR B 75 20.69 -8.54 7.82
N VAL B 76 20.26 -7.62 6.95
CA VAL B 76 18.87 -7.17 6.90
C VAL B 76 18.28 -7.52 5.54
N CYS B 77 18.65 -6.75 4.52
CA CYS B 77 18.15 -6.98 3.17
C CYS B 77 18.31 -8.44 2.72
N ARG B 78 19.48 -8.77 2.18
CA ARG B 78 19.73 -10.12 1.70
C ARG B 78 19.18 -11.19 2.63
N TYR B 79 19.43 -11.06 3.93
CA TYR B 79 18.95 -12.03 4.90
C TYR B 79 17.41 -12.16 4.92
N ASN B 80 16.73 -11.02 5.07
CA ASN B 80 15.27 -10.99 5.11
C ASN B 80 14.69 -11.64 3.85
N TYR B 81 15.16 -11.19 2.71
CA TYR B 81 14.71 -11.71 1.43
C TYR B 81 14.82 -13.23 1.43
N GLU B 82 16.06 -13.71 1.42
CA GLU B 82 16.29 -15.15 1.38
C GLU B 82 15.84 -15.92 2.61
N GLU B 83 15.71 -15.25 3.73
CA GLU B 83 15.29 -15.94 4.96
C GLU B 83 13.81 -15.76 5.35
N THR B 84 13.24 -14.58 5.11
CA THR B 84 11.85 -14.39 5.50
C THR B 84 10.85 -14.18 4.36
N GLU B 85 11.26 -13.49 3.30
CA GLU B 85 10.36 -13.25 2.18
C GLU B 85 10.13 -14.51 1.33
N VAL B 86 11.22 -15.17 0.94
CA VAL B 86 11.15 -16.38 0.12
C VAL B 86 9.99 -17.27 0.51
N PRO B 87 9.84 -17.56 1.81
CA PRO B 87 8.73 -18.43 2.23
C PRO B 87 7.42 -17.70 2.56
N THR B 88 7.37 -16.38 2.45
CA THR B 88 6.11 -15.68 2.72
C THR B 88 5.67 -14.84 1.52
N SER B 89 6.04 -13.58 1.47
CA SER B 89 5.58 -12.74 0.36
C SER B 89 5.81 -13.28 -1.05
N LEU B 90 6.94 -13.95 -1.28
CA LEU B 90 7.26 -14.42 -2.63
C LEU B 90 6.58 -15.72 -2.98
N ARG B 91 6.09 -16.41 -1.97
CA ARG B 91 5.39 -17.67 -2.17
C ARG B 91 3.87 -17.48 -2.30
N ARG B 92 3.33 -16.49 -1.59
CA ARG B 92 1.89 -16.19 -1.58
C ARG B 92 1.21 -16.14 -2.93
N LEU B 93 0.16 -16.95 -3.07
CA LEU B 93 -0.63 -17.01 -4.29
C LEU B 93 -2.14 -16.90 -3.97
N GLU B 94 -2.81 -16.02 -4.72
CA GLU B 94 -4.24 -15.81 -4.60
C GLU B 94 -4.76 -15.81 -6.03
N GLN B 95 -5.63 -16.77 -6.33
CA GLN B 95 -6.20 -16.90 -7.68
C GLN B 95 -7.21 -15.79 -7.96
N PRO B 96 -7.19 -15.25 -9.17
CA PRO B 96 -8.18 -14.19 -9.39
C PRO B 96 -9.56 -14.79 -9.57
N ASN B 97 -10.58 -13.99 -9.27
CA ASN B 97 -11.98 -14.35 -9.49
C ASN B 97 -12.31 -13.58 -10.77
N VAL B 98 -12.90 -14.27 -11.74
CA VAL B 98 -13.23 -13.60 -12.98
C VAL B 98 -14.74 -13.65 -13.23
N VAL B 99 -15.37 -12.49 -13.38
CA VAL B 99 -16.80 -12.45 -13.63
C VAL B 99 -17.09 -11.49 -14.78
N ILE B 100 -18.09 -11.79 -15.59
CA ILE B 100 -18.44 -10.88 -16.67
C ILE B 100 -19.82 -10.26 -16.42
N SER B 101 -19.96 -8.98 -16.72
CA SER B 101 -21.23 -8.29 -16.58
C SER B 101 -21.41 -7.27 -17.69
N LEU B 102 -22.66 -6.87 -17.92
CA LEU B 102 -23.00 -5.92 -18.97
C LEU B 102 -23.39 -4.62 -18.29
N SER B 103 -22.86 -3.48 -18.77
CA SER B 103 -23.16 -2.19 -18.18
C SER B 103 -24.65 -1.83 -18.23
N ARG B 104 -25.28 -2.12 -19.35
CA ARG B 104 -26.70 -1.80 -19.52
C ARG B 104 -27.54 -3.05 -19.68
N THR B 105 -28.85 -2.90 -19.51
CA THR B 105 -29.78 -4.01 -19.64
C THR B 105 -29.67 -4.60 -21.03
N GLU B 106 -29.81 -5.90 -21.05
CA GLU B 106 -29.74 -6.63 -22.29
C GLU B 106 -30.72 -6.14 -23.37
N ALA B 107 -30.29 -6.30 -24.63
CA ALA B 107 -31.06 -5.91 -25.81
C ALA B 107 -30.38 -6.64 -27.00
N LEU B 108 -30.99 -6.61 -28.18
CA LEU B 108 -30.44 -7.33 -29.34
C LEU B 108 -29.59 -6.65 -30.41
N ASN B 109 -29.33 -5.36 -30.30
CA ASN B 109 -28.50 -4.70 -31.29
C ASN B 109 -28.08 -3.35 -30.76
N HIS B 110 -28.45 -3.10 -29.50
CA HIS B 110 -28.10 -1.88 -28.84
C HIS B 110 -26.68 -2.04 -28.37
N HIS B 111 -25.86 -1.01 -28.60
CA HIS B 111 -24.48 -1.04 -28.21
C HIS B 111 -24.38 -0.97 -26.68
N ASN B 112 -23.69 -1.94 -26.09
CA ASN B 112 -23.51 -1.98 -24.65
C ASN B 112 -22.03 -2.12 -24.36
N THR B 113 -21.70 -2.48 -23.13
CA THR B 113 -20.30 -2.64 -22.75
C THR B 113 -20.11 -3.81 -21.79
N LEU B 114 -19.36 -4.83 -22.23
CA LEU B 114 -19.05 -5.98 -21.37
C LEU B 114 -17.89 -5.57 -20.46
N VAL B 115 -17.98 -5.98 -19.21
CA VAL B 115 -16.94 -5.67 -18.23
C VAL B 115 -16.44 -6.96 -17.59
N CYS B 116 -15.16 -7.25 -17.78
CA CYS B 116 -14.58 -8.42 -17.17
C CYS B 116 -13.90 -8.02 -15.86
N SER B 117 -14.56 -8.29 -14.72
CA SER B 117 -14.00 -8.00 -13.41
C SER B 117 -13.06 -9.11 -12.92
N VAL B 118 -11.77 -8.78 -12.79
CA VAL B 118 -10.73 -9.74 -12.38
C VAL B 118 -10.24 -9.31 -11.01
N THR B 119 -10.67 -10.00 -9.96
CA THR B 119 -10.32 -9.56 -8.62
C THR B 119 -9.60 -10.52 -7.69
N ASP B 120 -9.15 -9.95 -6.58
CA ASP B 120 -8.48 -10.65 -5.48
C ASP B 120 -7.28 -11.54 -5.77
N PHE B 121 -6.45 -11.12 -6.69
CA PHE B 121 -5.28 -11.94 -7.01
C PHE B 121 -4.01 -11.37 -6.43
N TYR B 122 -2.96 -12.21 -6.39
CA TYR B 122 -1.64 -11.87 -5.88
C TYR B 122 -0.68 -12.96 -6.35
N PRO B 123 0.51 -12.59 -6.87
CA PRO B 123 1.09 -11.25 -7.07
C PRO B 123 0.39 -10.47 -8.16
N ALA B 124 0.84 -9.25 -8.40
CA ALA B 124 0.19 -8.39 -9.38
C ALA B 124 0.25 -8.82 -10.84
N LYS B 125 1.20 -9.69 -11.16
CA LYS B 125 1.36 -10.16 -12.53
C LYS B 125 0.11 -10.86 -13.01
N ILE B 126 -0.47 -10.31 -14.08
CA ILE B 126 -1.68 -10.85 -14.65
C ILE B 126 -1.83 -10.47 -16.14
N LYS B 127 -2.57 -11.26 -16.91
CA LYS B 127 -2.85 -10.95 -18.31
C LYS B 127 -4.30 -11.26 -18.65
N VAL B 128 -5.05 -10.25 -19.06
CA VAL B 128 -6.46 -10.38 -19.40
C VAL B 128 -6.72 -9.99 -20.86
N ARG B 129 -7.46 -10.83 -21.57
CA ARG B 129 -7.74 -10.58 -22.97
C ARG B 129 -9.20 -10.93 -23.31
N TRP B 130 -9.80 -10.12 -24.18
CA TRP B 130 -11.16 -10.34 -24.64
C TRP B 130 -11.18 -11.05 -25.99
N PHE B 131 -12.16 -11.92 -26.19
CA PHE B 131 -12.31 -12.64 -27.45
C PHE B 131 -13.76 -12.63 -27.88
N ARG B 132 -13.99 -12.46 -29.18
CA ARG B 132 -15.36 -12.50 -29.69
C ARG B 132 -15.41 -13.71 -30.61
N ASN B 133 -16.34 -14.62 -30.34
CA ASN B 133 -16.49 -15.84 -31.13
C ASN B 133 -15.16 -16.52 -31.39
N GLY B 134 -14.21 -16.40 -30.47
CA GLY B 134 -12.94 -17.07 -30.67
C GLY B 134 -11.74 -16.24 -31.09
N GLN B 135 -11.95 -15.00 -31.51
CA GLN B 135 -10.81 -14.17 -31.93
C GLN B 135 -10.58 -12.95 -31.06
N GLU B 136 -9.30 -12.61 -30.88
CA GLU B 136 -8.91 -11.50 -30.04
C GLU B 136 -9.42 -10.13 -30.45
N GLU B 137 -10.31 -9.58 -29.63
CA GLU B 137 -10.84 -8.26 -29.88
C GLU B 137 -9.68 -7.26 -29.77
N THR B 138 -9.43 -6.54 -30.85
CA THR B 138 -8.36 -5.55 -30.87
C THR B 138 -8.92 -4.25 -31.39
N VAL B 139 -9.97 -3.74 -30.74
CA VAL B 139 -10.57 -2.48 -31.17
C VAL B 139 -11.05 -1.61 -30.01
N GLY B 140 -12.15 -2.00 -29.38
CA GLY B 140 -12.70 -1.21 -28.31
C GLY B 140 -12.51 -1.76 -26.91
N VAL B 141 -11.29 -2.19 -26.64
CA VAL B 141 -10.98 -2.70 -25.33
C VAL B 141 -10.25 -1.60 -24.55
N SER B 142 -10.47 -1.58 -23.24
CA SER B 142 -9.81 -0.63 -22.38
C SER B 142 -9.82 -1.25 -20.98
N SER B 143 -8.96 -0.78 -20.10
CA SER B 143 -8.95 -1.32 -18.76
C SER B 143 -8.45 -0.33 -17.74
N THR B 144 -8.81 -0.58 -16.48
CA THR B 144 -8.36 0.27 -15.39
C THR B 144 -6.92 -0.07 -15.14
N GLN B 145 -6.20 0.82 -14.46
CA GLN B 145 -4.81 0.56 -14.10
C GLN B 145 -4.93 -0.57 -13.07
N LEU B 146 -3.84 -1.25 -12.76
CA LEU B 146 -3.88 -2.32 -11.77
C LEU B 146 -4.22 -1.60 -10.45
N ILE B 147 -5.19 -2.13 -9.72
CA ILE B 147 -5.63 -1.52 -8.47
C ILE B 147 -5.12 -2.36 -7.30
N ARG B 148 -4.56 -1.69 -6.30
CA ARG B 148 -4.02 -2.35 -5.13
C ARG B 148 -5.09 -2.19 -4.05
N ASN B 149 -5.62 -3.30 -3.54
CA ASN B 149 -6.69 -3.23 -2.53
C ASN B 149 -6.18 -2.87 -1.11
N GLY B 150 -4.86 -2.92 -0.93
CA GLY B 150 -4.26 -2.59 0.37
C GLY B 150 -4.28 -3.74 1.35
N ASP B 151 -4.79 -4.89 0.91
CA ASP B 151 -4.88 -6.07 1.79
C ASP B 151 -4.11 -7.27 1.18
N TRP B 152 -3.13 -6.97 0.33
CA TRP B 152 -2.34 -8.01 -0.29
C TRP B 152 -3.06 -8.75 -1.43
N THR B 153 -3.98 -8.04 -2.10
CA THR B 153 -4.68 -8.57 -3.29
C THR B 153 -4.83 -7.40 -4.26
N PHE B 154 -4.93 -7.71 -5.54
CA PHE B 154 -5.11 -6.69 -6.59
C PHE B 154 -6.38 -6.96 -7.37
N GLN B 155 -6.82 -5.96 -8.11
CA GLN B 155 -7.96 -6.11 -8.98
C GLN B 155 -7.75 -5.25 -10.21
N VAL B 156 -8.41 -5.65 -11.30
CA VAL B 156 -8.37 -4.94 -12.56
C VAL B 156 -9.66 -5.22 -13.33
N LEU B 157 -10.20 -4.18 -13.94
CA LEU B 157 -11.43 -4.25 -14.75
C LEU B 157 -11.05 -3.99 -16.22
N VAL B 158 -11.46 -4.90 -17.10
CA VAL B 158 -11.16 -4.80 -18.52
C VAL B 158 -12.46 -4.74 -19.29
N MET B 159 -12.72 -3.57 -19.88
CA MET B 159 -13.93 -3.31 -20.64
C MET B 159 -13.83 -3.56 -22.14
N LEU B 160 -14.97 -3.95 -22.72
CA LEU B 160 -15.05 -4.20 -24.15
C LEU B 160 -16.27 -3.51 -24.74
N GLU B 161 -16.02 -2.67 -25.75
CA GLU B 161 -17.11 -1.97 -26.44
C GLU B 161 -17.74 -2.96 -27.41
N MET B 162 -19.06 -3.11 -27.37
CA MET B 162 -19.69 -4.06 -28.26
C MET B 162 -21.18 -3.87 -28.45
N THR B 163 -21.79 -4.84 -29.16
CA THR B 163 -23.22 -4.84 -29.44
C THR B 163 -23.66 -6.28 -29.45
N PRO B 164 -24.49 -6.68 -28.47
CA PRO B 164 -24.97 -8.07 -28.41
C PRO B 164 -25.74 -8.52 -29.66
N ARG B 165 -25.43 -9.74 -30.09
CA ARG B 165 -26.05 -10.34 -31.26
C ARG B 165 -26.11 -11.84 -31.02
N ARG B 166 -27.28 -12.43 -31.25
CA ARG B 166 -27.45 -13.87 -31.03
C ARG B 166 -26.41 -14.73 -31.73
N GLY B 167 -26.06 -15.83 -31.06
CA GLY B 167 -25.08 -16.75 -31.61
C GLY B 167 -23.66 -16.37 -31.29
N GLU B 168 -23.46 -15.13 -30.84
CA GLU B 168 -22.13 -14.65 -30.52
C GLU B 168 -21.70 -15.00 -29.09
N VAL B 169 -20.47 -15.46 -28.97
CA VAL B 169 -19.90 -15.83 -27.68
C VAL B 169 -18.67 -14.98 -27.39
N TYR B 170 -18.70 -14.26 -26.27
CA TYR B 170 -17.55 -13.43 -25.87
C TYR B 170 -16.85 -14.08 -24.70
N THR B 171 -15.52 -14.16 -24.79
CA THR B 171 -14.75 -14.77 -23.73
C THR B 171 -13.68 -13.83 -23.14
N CYS B 172 -13.57 -13.83 -21.80
CA CYS B 172 -12.58 -13.08 -21.06
C CYS B 172 -11.53 -14.12 -20.73
N HIS B 173 -10.28 -13.90 -21.17
CA HIS B 173 -9.17 -14.81 -20.97
C HIS B 173 -8.19 -14.21 -19.95
N VAL B 174 -7.79 -15.03 -18.97
CA VAL B 174 -6.92 -14.55 -17.90
C VAL B 174 -5.83 -15.53 -17.48
N GLU B 175 -4.59 -15.07 -17.47
CA GLU B 175 -3.48 -15.92 -17.07
C GLU B 175 -2.80 -15.31 -15.85
N HIS B 176 -2.50 -16.14 -14.86
CA HIS B 176 -1.87 -15.66 -13.64
C HIS B 176 -0.99 -16.75 -13.11
N PRO B 177 0.11 -16.39 -12.40
CA PRO B 177 1.03 -17.37 -11.83
C PRO B 177 0.31 -18.35 -10.91
N SER B 178 -0.77 -17.91 -10.27
CA SER B 178 -1.49 -18.82 -9.38
C SER B 178 -2.23 -19.90 -10.18
N LEU B 179 -2.37 -19.68 -11.48
CA LEU B 179 -3.13 -20.60 -12.33
C LEU B 179 -2.35 -21.66 -13.10
N LYS B 180 -2.77 -22.92 -12.97
CA LYS B 180 -2.15 -24.03 -13.69
C LYS B 180 -2.54 -23.87 -15.16
N SER B 181 -3.83 -23.64 -15.37
CA SER B 181 -4.33 -23.43 -16.72
C SER B 181 -5.15 -22.12 -16.69
N PRO B 182 -5.01 -21.27 -17.72
CA PRO B 182 -5.73 -20.00 -17.79
C PRO B 182 -7.22 -20.13 -17.50
N ILE B 183 -7.83 -19.00 -17.15
CA ILE B 183 -9.25 -18.97 -16.89
C ILE B 183 -9.93 -18.34 -18.09
N THR B 184 -11.09 -18.87 -18.46
CA THR B 184 -11.86 -18.33 -19.54
C THR B 184 -13.29 -18.25 -19.05
N VAL B 185 -13.92 -17.11 -19.24
CA VAL B 185 -15.30 -16.96 -18.83
C VAL B 185 -16.04 -16.47 -20.04
N GLU B 186 -17.09 -17.20 -20.37
CA GLU B 186 -17.89 -16.88 -21.54
C GLU B 186 -19.13 -16.11 -21.16
N TRP B 187 -19.65 -15.39 -22.14
CA TRP B 187 -20.84 -14.60 -21.99
C TRP B 187 -21.49 -14.70 -23.38
N ARG B 188 -22.80 -14.90 -23.43
CA ARG B 188 -23.50 -15.02 -24.71
C ARG B 188 -24.74 -14.15 -24.78
N ALA B 189 -24.98 -13.57 -25.95
CA ALA B 189 -26.12 -12.69 -26.19
C ALA B 189 -27.40 -13.11 -25.47
N SER C 2 15.19 -17.07 10.23
CA SER C 2 14.00 -17.16 11.12
C SER C 2 13.51 -15.78 11.56
N ARG C 3 14.32 -15.11 12.39
CA ARG C 3 13.98 -13.77 12.90
C ARG C 3 14.36 -12.66 11.94
N GLY C 4 13.36 -11.90 11.50
CA GLY C 4 13.61 -10.81 10.59
C GLY C 4 14.47 -9.74 11.24
N GLY C 5 15.08 -8.89 10.41
CA GLY C 5 15.93 -7.86 10.95
C GLY C 5 15.51 -6.49 10.50
N ALA C 6 15.61 -5.52 11.40
CA ALA C 6 15.24 -4.17 11.08
C ALA C 6 16.49 -3.37 10.71
N SER C 7 16.30 -2.29 9.95
CA SER C 7 17.38 -1.41 9.54
C SER C 7 17.53 -0.30 10.59
N GLN C 8 18.50 -0.44 11.49
CA GLN C 8 18.77 0.56 12.53
C GLN C 8 18.54 2.02 12.08
N TYR C 9 17.72 2.76 12.82
CA TYR C 9 17.46 4.19 12.55
C TYR C 9 18.53 4.89 13.41
N ARG C 10 19.57 5.43 12.79
CA ARG C 10 20.69 6.07 13.52
C ARG C 10 20.46 7.49 14.09
N PRO C 11 20.76 7.67 15.39
CA PRO C 11 20.62 8.94 16.13
C PRO C 11 21.72 9.95 15.82
N SER C 12 21.36 11.18 15.53
CA SER C 12 22.35 12.22 15.22
C SER C 12 23.13 12.67 16.46
N GLN C 13 23.74 13.85 16.39
CA GLN C 13 24.52 14.39 17.50
C GLN C 13 23.66 14.72 18.71
C1 NAG D . 17.31 29.35 10.85
C2 NAG D . 18.24 28.87 9.71
C3 NAG D . 19.66 28.57 10.22
C4 NAG D . 20.18 29.71 11.07
C5 NAG D . 19.18 30.02 12.20
C6 NAG D . 19.61 31.15 13.11
C7 NAG D . 16.53 27.73 8.44
C8 NAG D . 16.60 27.69 6.92
N2 NAG D . 17.69 27.67 9.10
O3 NAG D . 20.52 28.38 9.11
O4 NAG D . 21.44 29.34 11.64
O5 NAG D . 17.91 30.40 11.61
O6 NAG D . 20.90 31.65 12.77
O7 NAG D . 15.45 27.80 9.02
C1 NAG E . -12.89 10.91 14.58
C2 NAG E . -13.00 11.85 15.79
C3 NAG E . -13.86 11.22 16.88
C4 NAG E . -15.23 10.87 16.30
C5 NAG E . -15.04 9.92 15.11
C6 NAG E . -16.36 9.55 14.44
C7 NAG E . -11.28 11.85 17.50
C8 NAG E . -10.77 10.42 17.69
N2 NAG E . -11.67 12.19 16.28
O3 NAG E . -14.01 12.15 17.95
O4 NAG E . -16.04 10.25 17.30
O5 NAG E . -14.20 10.55 14.11
O6 NAG E . -17.42 9.46 15.37
O7 NAG E . -11.33 12.62 18.46
C1 NAG F . 16.77 -8.24 -13.87
C2 NAG F . 17.18 -9.01 -15.12
C3 NAG F . 16.92 -8.08 -16.31
C4 NAG F . 15.44 -7.61 -16.31
C5 NAG F . 14.99 -7.09 -14.93
C6 NAG F . 13.49 -6.89 -14.85
C7 NAG F . 19.54 -8.66 -14.62
C8 NAG F . 20.16 -7.68 -15.61
N2 NAG F . 18.57 -9.45 -15.09
O3 NAG F . 17.21 -8.76 -17.53
O4 NAG F . 15.28 -6.58 -17.28
O5 NAG F . 15.36 -8.02 -13.88
O6 NAG F . 12.80 -8.14 -14.80
O7 NAG F . 19.94 -8.69 -13.46
#